data_6SKI
#
_entry.id   6SKI
#
_cell.length_a   1.00
_cell.length_b   1.00
_cell.length_c   1.00
_cell.angle_alpha   90.00
_cell.angle_beta   90.00
_cell.angle_gamma   90.00
#
_symmetry.space_group_name_H-M   'P 1'
#
loop_
_entity.id
_entity.type
_entity.pdbx_description
1 polymer 'Putative type VI secretion protein'
2 polymer 'Putative type VI secretion protein'
#
loop_
_entity_poly.entity_id
_entity_poly.type
_entity_poly.pdbx_seq_one_letter_code
_entity_poly.pdbx_strand_id
1 'polypeptide(L)'
;MTKYQGYDVTDATHKTSIHNDWKVVVAKKKPARGVTLTIGIFFDGTGNNRENTASRLMKFNECSAARQGVNQKDAQSCED
FLKEINKNSISNGSYRGYYSNIHWLNILYHPDQVLKKDQTSAQIKTYISGIGTAAGEADSVIGMGLGTSILDIFEGVVTK
TDEAMERITQALSEFMGFNLSPDFCIAKIQFDVFGFSRGAAAARHFANRVMEQDPAIARAIAKGLRGDFYDGKPSGEVRF
LGLFDTVAAIGGISNFFDINGRSNPGVKLELRPSVAKKVFQITAMNEYRYNFSLNSIKGMWPELALPGAHSDIGGGYNPV
GSPLQENESLFLSCPEFEIVSDDTREMDTRVYRKAEQVRKMLMTLPALKHILPHGKLTTKIRSIGVNNSNQRRAGVIQKQ
VGAAVFFERMAVPNDWANVCLRVMLDAAQEAGVLFEPIRQTNTELQLPSELIFLADKAIAQGKAVRLGQEPQAFTEEELY
IIGKYTHCSANWNIESDGNLWVDPTTGEIFIHRFGPKGNKAFVFPNKPNDRWIRSVWYMDDQQRLNDNAVKNTKVMMSGV
;
F
2 'polypeptide(L)'
;MNLTDSLQNVLSGVGTLNRYRLDIPSCPSSLDVEDFSGTEGISKIYRYDIIFTSTDRYPDAAWFLRKSATLIMGTGLLES
LTEQKKVHGVITDFRRISGSEDQAQYRITLKPFISLLDKQFRTHRFFVNKSVPEVVEQILTEHGLKGWEYEFSLKRTYPK
REQINQYQESDLRFIQRLLAEVGIFYFFTLHPDAQTEVIHFGDVQAALIFDKTLPVNSPSGMSDSGTDSVWALNVEHRVV
ESRVITNDYNHREAQNILMSVPADMTRGEGYDTSYGEVYHYRPRHTERGDKIDPAPETANFWARLDHERFLAEQTRITGK
STDASLLPAQVLTITDSTPPVLPAPLQEPVLLTQLLFTGSRKSALQVMLSAVPYSEIVCWRPPLLTRPKITGTMTARVTS
AKEGDIYAWQDASGMYRVKFDADRDDKNPGQESMPVRLAKPYSGDAYGFHFPLIQGTEVAIAFEEGDPDRPYIAHALHDS
RHVDHVTDKNGTRNVIRTPANNKLRMEDKRGEEHIKLSTEYGGKTQLNLGHNVDASRELRGEGAELRTDDWISIRGGKGI
FISADMQPQAQGKMLDMDEAIRQLEQALSLARSMAKAATAANATQGDISCQQRLNASLTDLTAPGMLLHAPDGIGMVSAR
ALRIASGSESVGIMSGDNTDITAGQSFTVVAEGAVSLLSRNQGMQLLAAKGRVNIQAQSDDLSMSSQQNLDIQSSEGKVT
VSANQELILACGGAYIKLSGGNIELGCPGQILLKSTNMQKMGPTSLDIASVEMPRGFGGGFILTDEAGVPQPSTPYRLTT
AEGDILQGITDENGKTAPVNTSIPSVVKVEFGKVKIHGETE
;
A
#
# COMPACT_ATOMS: atom_id res chain seq x y z
N LYS A 3 34.93 16.36 9.24
CA LYS A 3 35.13 15.49 8.10
C LYS A 3 34.63 16.15 6.81
N TYR A 4 33.77 17.15 6.95
CA TYR A 4 33.23 17.86 5.80
C TYR A 4 33.61 19.33 5.90
N GLN A 5 33.70 19.98 4.74
CA GLN A 5 34.18 21.35 4.66
C GLN A 5 33.38 22.12 3.61
N GLY A 6 33.10 23.38 3.92
CA GLY A 6 32.45 24.26 2.97
C GLY A 6 33.28 25.52 2.80
N TYR A 7 32.87 26.34 1.84
CA TYR A 7 33.61 27.55 1.49
C TYR A 7 32.68 28.75 1.63
N ASP A 8 33.00 29.64 2.56
CA ASP A 8 32.26 30.89 2.68
C ASP A 8 32.80 31.90 1.68
N VAL A 9 31.92 32.40 0.83
CA VAL A 9 32.28 33.17 -0.35
C VAL A 9 31.91 34.62 -0.11
N THR A 10 32.92 35.50 -0.07
CA THR A 10 32.63 36.93 0.03
C THR A 10 32.04 37.47 -1.26
N ASP A 11 32.72 37.26 -2.38
CA ASP A 11 32.24 37.69 -3.70
C ASP A 11 32.09 36.47 -4.59
N ALA A 12 30.93 36.36 -5.27
CA ALA A 12 30.60 35.14 -5.98
C ALA A 12 30.00 35.40 -7.35
N THR A 13 30.38 36.50 -8.00
CA THR A 13 29.78 36.84 -9.29
C THR A 13 30.88 37.26 -10.26
N HIS A 14 30.57 37.16 -11.54
CA HIS A 14 31.53 37.48 -12.58
C HIS A 14 30.82 37.86 -13.88
N LYS A 15 31.61 38.39 -14.79
CA LYS A 15 31.17 38.95 -16.06
C LYS A 15 31.56 38.00 -17.19
N THR A 16 30.59 37.67 -18.04
CA THR A 16 30.92 36.95 -19.26
C THR A 16 31.26 37.93 -20.38
N SER A 17 32.07 37.46 -21.32
CA SER A 17 32.64 38.31 -22.36
C SER A 17 33.36 37.48 -23.41
N ILE A 18 34.06 38.14 -24.32
CA ILE A 18 34.99 37.46 -25.21
C ILE A 18 36.39 37.39 -24.62
N HIS A 19 36.66 38.10 -23.52
CA HIS A 19 37.88 37.85 -22.76
C HIS A 19 37.98 36.41 -22.33
N ASN A 20 36.84 35.79 -21.99
CA ASN A 20 36.79 34.46 -21.38
C ASN A 20 37.75 34.39 -20.19
N ASP A 21 37.70 35.43 -19.36
CA ASP A 21 38.64 35.57 -18.26
C ASP A 21 38.22 34.75 -17.06
N TRP A 22 39.21 34.14 -16.41
CA TRP A 22 38.99 33.31 -15.23
C TRP A 22 39.32 34.14 -13.99
N LYS A 23 38.32 34.34 -13.15
CA LYS A 23 38.44 35.24 -12.01
C LYS A 23 38.54 34.43 -10.72
N VAL A 24 39.55 34.73 -9.92
CA VAL A 24 39.71 34.05 -8.64
C VAL A 24 38.51 34.34 -7.76
N VAL A 25 38.08 33.33 -7.01
CA VAL A 25 37.01 33.49 -6.04
C VAL A 25 37.54 33.03 -4.69
N VAL A 26 38.15 33.95 -3.94
CA VAL A 26 38.69 33.60 -2.64
C VAL A 26 37.54 33.33 -1.69
N ALA A 27 37.59 32.17 -1.04
CA ALA A 27 36.56 31.78 -0.09
C ALA A 27 37.23 31.09 1.08
N LYS A 28 36.82 31.44 2.29
CA LYS A 28 37.44 30.83 3.45
C LYS A 28 36.88 29.44 3.68
N LYS A 29 37.65 28.61 4.38
CA LYS A 29 37.31 27.21 4.59
C LYS A 29 36.64 27.07 5.95
N LYS A 30 35.39 26.78 5.93
CA LYS A 30 34.46 26.68 7.03
C LYS A 30 34.17 25.22 7.35
N PRO A 31 34.05 24.88 8.63
CA PRO A 31 33.59 23.54 8.99
C PRO A 31 32.14 23.33 8.57
N ALA A 32 31.84 22.12 8.12
CA ALA A 32 30.50 21.78 7.65
C ALA A 32 29.96 20.62 8.48
N ARG A 33 28.75 20.78 8.99
CA ARG A 33 28.07 19.69 9.68
C ARG A 33 27.90 18.50 8.75
N GLY A 34 27.81 17.31 9.33
CA GLY A 34 27.35 16.14 8.62
C GLY A 34 25.99 15.74 9.16
N VAL A 35 24.95 15.93 8.34
CA VAL A 35 23.58 15.68 8.77
C VAL A 35 23.10 14.36 8.17
N THR A 36 22.55 13.50 9.01
CA THR A 36 21.91 12.27 8.55
C THR A 36 20.50 12.60 8.11
N LEU A 37 20.25 12.56 6.81
CA LEU A 37 18.93 12.87 6.27
C LEU A 37 18.18 11.58 6.00
N THR A 38 17.03 11.43 6.64
CA THR A 38 16.17 10.27 6.45
C THR A 38 14.97 10.68 5.62
N ILE A 39 14.71 9.94 4.54
CA ILE A 39 13.56 10.18 3.70
C ILE A 39 12.52 9.12 4.02
N GLY A 40 11.37 9.55 4.51
CA GLY A 40 10.29 8.64 4.82
C GLY A 40 9.49 8.32 3.59
N ILE A 41 9.56 7.08 3.14
CA ILE A 41 8.88 6.64 1.92
C ILE A 41 7.60 5.94 2.36
N PHE A 42 6.46 6.43 1.89
CA PHE A 42 5.15 5.98 2.33
C PHE A 42 4.38 5.49 1.12
N PHE A 43 4.32 4.18 0.95
CA PHE A 43 3.65 3.54 -0.16
C PHE A 43 2.26 3.15 0.32
N ASP A 44 1.24 3.81 -0.19
CA ASP A 44 -0.09 3.52 0.29
C ASP A 44 -0.73 2.40 -0.52
N GLY A 45 -1.79 1.84 0.02
CA GLY A 45 -2.71 1.02 -0.74
C GLY A 45 -3.81 1.88 -1.32
N THR A 46 -5.02 1.35 -1.33
CA THR A 46 -6.13 2.26 -1.54
C THR A 46 -6.34 3.09 -0.28
N GLY A 47 -6.79 4.32 -0.47
CA GLY A 47 -6.98 5.20 0.66
C GLY A 47 -8.36 5.81 0.65
N ASN A 48 -8.44 7.14 0.75
CA ASN A 48 -9.71 7.84 0.63
C ASN A 48 -10.07 8.00 -0.85
N ASN A 49 -10.03 6.87 -1.55
CA ASN A 49 -10.20 6.82 -2.99
C ASN A 49 -10.97 5.57 -3.35
N ARG A 50 -11.56 5.58 -4.53
CA ARG A 50 -12.17 4.38 -5.10
C ARG A 50 -11.13 3.60 -5.90
N GLU A 51 -11.37 2.30 -6.02
CA GLU A 51 -10.50 1.46 -6.83
C GLU A 51 -10.83 1.65 -8.31
N ASN A 52 -9.79 1.75 -9.13
CA ASN A 52 -10.03 1.98 -10.55
C ASN A 52 -10.55 0.71 -11.21
N THR A 53 -11.05 0.88 -12.44
CA THR A 53 -11.65 -0.24 -13.15
C THR A 53 -10.65 -1.36 -13.38
N ALA A 54 -9.39 -1.01 -13.65
CA ALA A 54 -8.39 -2.01 -14.01
C ALA A 54 -8.13 -2.96 -12.85
N SER A 55 -8.05 -2.45 -11.62
CA SER A 55 -7.83 -3.31 -10.46
C SER A 55 -9.02 -4.23 -10.23
N ARG A 56 -10.22 -3.67 -10.28
CA ARG A 56 -11.43 -4.46 -10.09
C ARG A 56 -11.54 -5.55 -11.13
N LEU A 57 -11.11 -5.27 -12.36
CA LEU A 57 -11.13 -6.29 -13.41
C LEU A 57 -10.02 -7.31 -13.22
N MET A 58 -8.87 -6.89 -12.70
CA MET A 58 -7.83 -7.86 -12.33
C MET A 58 -8.37 -8.85 -11.32
N LYS A 59 -9.27 -8.41 -10.45
CA LYS A 59 -9.85 -9.31 -9.47
C LYS A 59 -10.69 -10.41 -10.12
N PHE A 60 -11.10 -10.23 -11.38
CA PHE A 60 -11.84 -11.29 -12.08
C PHE A 60 -11.01 -12.56 -12.21
N ASN A 61 -9.69 -12.43 -12.32
CA ASN A 61 -8.83 -13.60 -12.48
C ASN A 61 -8.99 -14.55 -11.32
N GLU A 62 -9.40 -15.79 -11.63
CA GLU A 62 -9.54 -16.89 -10.68
C GLU A 62 -10.74 -16.70 -9.75
N CYS A 63 -11.45 -15.59 -9.87
CA CYS A 63 -12.60 -15.33 -9.01
C CYS A 63 -13.86 -14.96 -9.77
N SER A 64 -13.86 -15.10 -11.09
CA SER A 64 -15.07 -14.83 -11.85
C SER A 64 -16.12 -15.90 -11.58
N ALA A 65 -17.38 -15.55 -11.87
CA ALA A 65 -18.46 -16.51 -11.66
C ALA A 65 -18.30 -17.74 -12.52
N ALA A 66 -17.58 -17.62 -13.65
CA ALA A 66 -17.42 -18.76 -14.54
C ALA A 66 -16.37 -19.74 -14.02
N ARG A 67 -15.31 -19.24 -13.36
CA ARG A 67 -14.33 -20.15 -12.76
C ARG A 67 -14.96 -20.98 -11.65
N GLN A 68 -15.94 -20.40 -10.95
CA GLN A 68 -16.80 -21.17 -10.08
C GLN A 68 -17.93 -21.78 -10.89
N GLY A 69 -18.64 -22.72 -10.29
CA GLY A 69 -19.73 -23.34 -11.02
C GLY A 69 -20.98 -22.50 -11.05
N VAL A 70 -20.85 -21.25 -11.50
CA VAL A 70 -21.96 -20.30 -11.53
C VAL A 70 -22.17 -19.87 -12.98
N ASN A 71 -23.16 -20.46 -13.63
CA ASN A 71 -23.55 -20.02 -14.96
C ASN A 71 -24.12 -18.61 -14.92
N GLN A 72 -24.23 -17.99 -16.09
CA GLN A 72 -24.62 -16.58 -16.16
C GLN A 72 -26.04 -16.36 -15.64
N LYS A 73 -26.93 -17.32 -15.88
CA LYS A 73 -28.26 -17.23 -15.29
C LYS A 73 -28.19 -17.29 -13.78
N ASP A 74 -27.40 -18.21 -13.24
CA ASP A 74 -27.23 -18.31 -11.80
C ASP A 74 -26.52 -17.09 -11.24
N ALA A 75 -25.59 -16.52 -12.01
CA ALA A 75 -24.90 -15.32 -11.54
C ALA A 75 -25.85 -14.12 -11.48
N GLN A 76 -26.72 -13.98 -12.48
CA GLN A 76 -27.71 -12.90 -12.41
C GLN A 76 -28.72 -13.15 -11.30
N SER A 77 -29.03 -14.42 -11.02
CA SER A 77 -29.89 -14.72 -9.89
C SER A 77 -29.21 -14.40 -8.56
N CYS A 78 -27.89 -14.59 -8.47
CA CYS A 78 -27.16 -14.19 -7.28
C CYS A 78 -27.20 -12.68 -7.09
N GLU A 79 -27.00 -11.94 -8.18
CA GLU A 79 -27.10 -10.48 -8.10
C GLU A 79 -28.48 -10.04 -7.66
N ASP A 80 -29.53 -10.65 -8.23
CA ASP A 80 -30.89 -10.31 -7.87
C ASP A 80 -31.17 -10.65 -6.41
N PHE A 81 -30.68 -11.80 -5.95
CA PHE A 81 -30.82 -12.20 -4.55
C PHE A 81 -30.21 -11.15 -3.63
N LEU A 82 -28.97 -10.76 -3.91
CA LEU A 82 -28.30 -9.78 -3.07
C LEU A 82 -29.03 -8.44 -3.10
N LYS A 83 -29.48 -8.01 -4.28
CA LYS A 83 -30.21 -6.75 -4.37
C LYS A 83 -31.50 -6.81 -3.56
N GLU A 84 -32.15 -7.96 -3.52
CA GLU A 84 -33.43 -8.04 -2.81
C GLU A 84 -33.23 -8.14 -1.30
N ILE A 85 -32.15 -8.76 -0.83
CA ILE A 85 -31.91 -8.75 0.61
C ILE A 85 -31.53 -7.36 1.09
N ASN A 86 -30.65 -6.67 0.38
CA ASN A 86 -30.24 -5.33 0.77
C ASN A 86 -30.59 -4.28 -0.28
N SER A 94 -19.02 3.09 -6.77
CA SER A 94 -18.44 1.95 -6.09
C SER A 94 -18.03 2.29 -4.68
N TYR A 95 -17.33 1.37 -4.03
CA TYR A 95 -16.90 1.56 -2.66
C TYR A 95 -15.73 2.54 -2.61
N ARG A 96 -15.83 3.54 -1.73
CA ARG A 96 -14.72 4.43 -1.43
C ARG A 96 -14.21 4.14 -0.03
N GLY A 97 -12.89 4.01 0.10
CA GLY A 97 -12.28 3.72 1.38
C GLY A 97 -12.00 4.98 2.19
N TYR A 98 -11.44 4.77 3.36
CA TYR A 98 -11.07 5.84 4.26
C TYR A 98 -9.55 5.97 4.29
N TYR A 99 -9.07 6.91 5.07
CA TYR A 99 -7.62 7.08 5.23
C TYR A 99 -7.00 5.82 5.80
N SER A 100 -5.90 5.38 5.19
CA SER A 100 -5.22 4.19 5.66
C SER A 100 -4.28 4.57 6.80
N ASN A 101 -3.52 3.60 7.29
CA ASN A 101 -2.54 3.86 8.33
C ASN A 101 -1.26 4.45 7.75
N ILE A 102 -1.05 4.29 6.44
CA ILE A 102 0.07 4.96 5.79
C ILE A 102 -0.17 6.45 5.71
N HIS A 103 -1.42 6.85 5.50
CA HIS A 103 -1.78 8.26 5.56
C HIS A 103 -1.46 8.86 6.92
N TRP A 104 -1.83 8.15 7.99
CA TRP A 104 -1.61 8.67 9.33
C TRP A 104 -0.14 8.64 9.70
N LEU A 105 0.60 7.63 9.25
CA LEU A 105 2.04 7.61 9.48
C LEU A 105 2.71 8.76 8.74
N ASN A 106 2.25 9.08 7.53
CA ASN A 106 2.77 10.22 6.80
C ASN A 106 2.47 11.52 7.54
N ILE A 107 1.24 11.68 8.02
CA ILE A 107 0.87 12.88 8.76
C ILE A 107 1.68 12.99 10.05
N LEU A 108 2.04 11.86 10.65
CA LEU A 108 2.72 11.86 11.94
C LEU A 108 4.22 11.76 11.82
N TYR A 109 4.74 11.30 10.69
CA TYR A 109 6.17 11.33 10.44
C TYR A 109 6.69 12.74 10.61
N HIS A 110 7.63 12.92 11.53
CA HIS A 110 8.13 14.25 11.82
C HIS A 110 8.86 14.82 10.60
N PRO A 111 8.39 15.93 10.04
CA PRO A 111 9.12 16.54 8.93
C PRO A 111 10.10 17.61 9.38
N ASP A 112 11.27 17.66 8.76
CA ASP A 112 12.23 18.72 8.98
C ASP A 112 12.25 19.63 7.75
N GLN A 113 12.11 20.93 7.97
CA GLN A 113 12.10 21.89 6.86
C GLN A 113 13.34 22.78 6.90
N VAL A 114 13.56 23.50 7.99
CA VAL A 114 14.76 24.32 8.16
C VAL A 114 15.55 23.74 9.33
N LEU A 115 16.81 23.42 9.10
CA LEU A 115 17.59 22.80 10.15
C LEU A 115 18.09 23.84 11.14
N LYS A 116 18.34 23.39 12.36
CA LYS A 116 18.86 24.27 13.39
C LYS A 116 20.37 24.42 13.23
N LYS A 117 20.95 25.33 14.02
CA LYS A 117 22.38 25.55 13.96
C LYS A 117 23.19 24.32 14.35
N ASP A 118 22.57 23.38 15.07
CA ASP A 118 23.27 22.23 15.61
C ASP A 118 22.69 20.91 15.15
N GLN A 119 21.67 20.94 14.28
CA GLN A 119 20.93 19.74 13.93
C GLN A 119 21.75 18.87 13.00
N THR A 120 22.05 17.64 13.42
CA THR A 120 22.82 16.69 12.64
C THR A 120 21.99 15.51 12.15
N SER A 121 20.67 15.56 12.34
CA SER A 121 19.79 14.54 11.80
C SER A 121 18.48 15.20 11.41
N ALA A 122 18.00 14.90 10.21
CA ALA A 122 16.81 15.51 9.67
C ALA A 122 15.93 14.43 9.05
N GLN A 123 14.64 14.74 8.95
CA GLN A 123 13.67 13.83 8.35
C GLN A 123 12.82 14.58 7.35
N ILE A 124 12.65 13.99 6.17
CA ILE A 124 11.71 14.46 5.17
C ILE A 124 10.88 13.26 4.76
N LYS A 125 9.69 13.53 4.23
CA LYS A 125 8.73 12.46 4.00
C LYS A 125 8.13 12.57 2.61
N THR A 126 7.68 11.42 2.12
CA THR A 126 7.17 11.28 0.77
C THR A 126 5.97 10.34 0.79
N TYR A 127 4.97 10.66 -0.01
CA TYR A 127 3.74 9.88 -0.06
C TYR A 127 3.51 9.41 -1.49
N ILE A 128 3.41 8.09 -1.67
CA ILE A 128 3.08 7.48 -2.94
C ILE A 128 1.73 6.81 -2.80
N SER A 129 0.85 7.03 -3.78
CA SER A 129 -0.51 6.52 -3.70
C SER A 129 -0.53 5.03 -4.05
N GLY A 130 -1.72 4.44 -3.99
CA GLY A 130 -1.86 3.03 -4.28
C GLY A 130 -1.95 2.75 -5.77
N ILE A 131 -1.74 1.47 -6.10
CA ILE A 131 -1.74 1.05 -7.50
C ILE A 131 -3.11 1.26 -8.12
N GLY A 132 -4.16 0.85 -7.43
CA GLY A 132 -5.51 1.04 -7.94
C GLY A 132 -6.18 2.20 -7.24
N THR A 133 -6.32 3.32 -7.94
CA THR A 133 -6.79 4.55 -7.31
C THR A 133 -7.41 5.49 -8.35
N GLY A 143 -11.55 0.34 -23.72
CA GLY A 143 -11.37 -1.01 -24.19
C GLY A 143 -9.98 -1.28 -24.71
N MET A 144 -9.50 -0.38 -25.57
CA MET A 144 -8.14 -0.48 -26.08
C MET A 144 -7.13 -0.25 -24.96
N GLY A 145 -7.31 0.84 -24.20
CA GLY A 145 -6.43 1.11 -23.08
C GLY A 145 -6.64 0.13 -21.93
N LEU A 146 -7.81 -0.51 -21.89
CA LEU A 146 -8.19 -1.30 -20.72
C LEU A 146 -7.21 -2.45 -20.48
N GLY A 147 -6.80 -3.14 -21.55
CA GLY A 147 -5.76 -4.15 -21.39
C GLY A 147 -4.45 -3.57 -20.92
N THR A 148 -4.08 -2.41 -21.47
CA THR A 148 -2.88 -1.72 -21.01
C THR A 148 -3.04 -1.27 -19.56
N SER A 149 -4.25 -0.86 -19.18
CA SER A 149 -4.49 -0.46 -17.79
C SER A 149 -4.36 -1.64 -16.83
N ILE A 150 -4.87 -2.80 -17.22
CA ILE A 150 -4.78 -3.97 -16.37
C ILE A 150 -3.33 -4.45 -16.30
N LEU A 151 -2.57 -4.28 -17.37
CA LEU A 151 -1.15 -4.61 -17.33
C LEU A 151 -0.37 -3.61 -16.49
N ASP A 152 -0.81 -2.35 -16.47
CA ASP A 152 -0.19 -1.36 -15.62
C ASP A 152 -0.41 -1.68 -14.15
N ILE A 153 -1.61 -2.11 -13.80
CA ILE A 153 -1.88 -2.53 -12.42
C ILE A 153 -1.12 -3.80 -12.09
N PHE A 154 -1.00 -4.71 -13.06
CA PHE A 154 -0.27 -5.95 -12.82
C PHE A 154 1.20 -5.68 -12.50
N GLU A 155 1.79 -4.70 -13.18
CA GLU A 155 3.17 -4.30 -12.97
C GLU A 155 3.28 -3.11 -12.02
N GLY A 156 2.26 -2.87 -11.20
CA GLY A 156 2.17 -1.63 -10.47
C GLY A 156 3.24 -1.43 -9.42
N VAL A 157 3.79 -2.53 -8.89
CA VAL A 157 4.75 -2.41 -7.79
C VAL A 157 6.01 -1.69 -8.24
N VAL A 158 6.58 -2.13 -9.37
CA VAL A 158 7.82 -1.52 -9.87
C VAL A 158 7.56 -0.10 -10.34
N THR A 159 6.41 0.13 -10.99
CA THR A 159 6.05 1.47 -11.42
C THR A 159 5.89 2.40 -10.22
N LYS A 160 5.40 1.89 -9.10
CA LYS A 160 5.26 2.71 -7.90
C LYS A 160 6.62 2.99 -7.28
N THR A 161 7.55 2.05 -7.36
CA THR A 161 8.90 2.36 -6.90
C THR A 161 9.56 3.43 -7.78
N ASP A 162 9.25 3.44 -9.08
CA ASP A 162 9.77 4.49 -9.95
C ASP A 162 9.15 5.85 -9.62
N GLU A 163 7.83 5.87 -9.41
CA GLU A 163 7.18 7.08 -8.93
C GLU A 163 7.77 7.51 -7.59
N ALA A 164 8.18 6.55 -6.77
CA ALA A 164 8.82 6.89 -5.51
C ALA A 164 10.17 7.57 -5.75
N MET A 165 10.90 7.14 -6.77
CA MET A 165 12.15 7.83 -7.08
C MET A 165 11.89 9.28 -7.50
N GLU A 166 10.89 9.50 -8.36
CA GLU A 166 10.59 10.87 -8.75
C GLU A 166 10.12 11.71 -7.56
N ARG A 167 9.33 11.10 -6.67
CA ARG A 167 8.86 11.82 -5.49
C ARG A 167 10.00 12.07 -4.50
N ILE A 168 10.99 11.17 -4.45
CA ILE A 168 12.19 11.41 -3.65
C ILE A 168 12.94 12.62 -4.18
N THR A 169 13.05 12.73 -5.50
CA THR A 169 13.68 13.91 -6.10
C THR A 169 12.92 15.17 -5.69
N GLN A 170 11.60 15.13 -5.77
CA GLN A 170 10.79 16.30 -5.42
C GLN A 170 10.96 16.67 -3.95
N ALA A 171 10.97 15.69 -3.07
CA ALA A 171 11.10 15.95 -1.64
C ALA A 171 12.47 16.50 -1.30
N LEU A 172 13.51 15.98 -1.95
CA LEU A 172 14.86 16.52 -1.73
C LEU A 172 14.96 17.95 -2.23
N SER A 173 14.34 18.24 -3.38
CA SER A 173 14.30 19.61 -3.88
C SER A 173 13.64 20.54 -2.88
N GLU A 174 12.49 20.13 -2.34
CA GLU A 174 11.80 20.96 -1.36
C GLU A 174 12.64 21.16 -0.11
N PHE A 175 13.27 20.09 0.38
CA PHE A 175 14.08 20.21 1.59
C PHE A 175 15.24 21.17 1.39
N MET A 176 15.95 21.07 0.27
CA MET A 176 17.08 21.94 0.03
C MET A 176 16.65 23.30 -0.50
N GLY A 177 15.36 23.50 -0.75
CA GLY A 177 14.83 24.81 -1.04
C GLY A 177 14.44 25.52 0.23
N PHE A 178 14.13 24.76 1.28
CA PHE A 178 13.98 25.34 2.60
C PHE A 178 15.32 25.65 3.26
N ASN A 179 16.42 25.13 2.73
CA ASN A 179 17.75 25.34 3.28
C ASN A 179 18.65 25.86 2.16
N LEU A 180 18.65 27.18 1.99
CA LEU A 180 19.38 27.82 0.90
C LEU A 180 20.75 28.28 1.41
N SER A 181 21.76 28.15 0.55
CA SER A 181 23.15 28.38 0.91
C SER A 181 23.52 27.50 2.10
N PRO A 182 23.47 26.19 1.95
CA PRO A 182 23.59 25.30 3.11
C PRO A 182 24.91 25.48 3.86
N ASP A 183 24.84 25.28 5.17
CA ASP A 183 26.00 25.28 6.04
C ASP A 183 26.40 23.86 6.40
N PHE A 184 25.83 22.87 5.73
CA PHE A 184 25.99 21.47 6.10
C PHE A 184 26.15 20.62 4.85
N CYS A 185 26.69 19.44 5.05
CA CYS A 185 26.71 18.39 4.05
C CYS A 185 25.86 17.23 4.54
N ILE A 186 25.11 16.62 3.62
CA ILE A 186 24.33 15.44 3.96
C ILE A 186 25.28 14.26 4.03
N ALA A 187 25.56 13.79 5.23
CA ALA A 187 26.55 12.75 5.44
C ALA A 187 25.98 11.35 5.24
N LYS A 188 24.66 11.22 5.17
CA LYS A 188 24.02 9.93 4.98
C LYS A 188 22.60 10.16 4.49
N ILE A 189 22.16 9.32 3.57
CA ILE A 189 20.78 9.30 3.11
C ILE A 189 20.16 8.01 3.61
N GLN A 190 19.23 8.12 4.53
CA GLN A 190 18.49 6.98 5.06
C GLN A 190 17.08 6.97 4.50
N PHE A 191 16.43 5.81 4.59
CA PHE A 191 15.06 5.65 4.15
C PHE A 191 14.25 4.95 5.22
N ASP A 192 13.06 5.48 5.51
CA ASP A 192 12.04 4.79 6.31
C ASP A 192 10.89 4.47 5.36
N VAL A 193 10.80 3.22 4.96
CA VAL A 193 9.84 2.79 3.95
C VAL A 193 8.64 2.18 4.65
N PHE A 194 7.46 2.70 4.34
CA PHE A 194 6.21 2.23 4.93
C PHE A 194 5.25 1.88 3.80
N GLY A 195 4.54 0.77 3.93
CA GLY A 195 3.60 0.37 2.91
C GLY A 195 2.38 -0.29 3.51
N PHE A 196 1.27 -0.18 2.76
CA PHE A 196 0.08 -0.97 3.05
C PHE A 196 -0.28 -1.79 1.81
N SER A 197 0.18 -3.03 1.84
CA SER A 197 -0.15 -4.21 1.04
C SER A 197 0.28 -4.20 -0.42
N ARG A 198 -0.07 -3.18 -1.16
CA ARG A 198 0.49 -3.10 -2.50
C ARG A 198 1.45 -1.96 -2.58
N GLY A 199 1.36 -1.08 -1.61
CA GLY A 199 2.52 -0.39 -1.15
C GLY A 199 3.35 -1.22 -0.21
N ALA A 200 2.94 -2.44 0.16
CA ALA A 200 3.88 -3.18 0.99
C ALA A 200 4.85 -3.97 0.14
N ALA A 201 4.35 -4.66 -0.88
CA ALA A 201 5.24 -5.25 -1.86
C ALA A 201 6.11 -4.18 -2.49
N ALA A 202 5.51 -3.07 -2.90
CA ALA A 202 6.28 -1.95 -3.41
C ALA A 202 7.33 -1.53 -2.40
N ALA A 203 6.96 -1.39 -1.13
CA ALA A 203 7.94 -1.01 -0.14
C ALA A 203 9.07 -2.01 -0.12
N ARG A 204 8.73 -3.31 -0.07
CA ARG A 204 9.77 -4.32 -0.07
C ARG A 204 10.60 -4.21 -1.33
N HIS A 205 9.94 -4.03 -2.48
CA HIS A 205 10.69 -3.85 -3.71
C HIS A 205 11.63 -2.66 -3.60
N PHE A 206 11.11 -1.53 -3.09
CA PHE A 206 11.96 -0.36 -2.94
C PHE A 206 13.16 -0.68 -2.05
N ALA A 207 12.92 -1.37 -0.94
CA ALA A 207 14.03 -1.69 -0.05
C ALA A 207 15.08 -2.51 -0.79
N ASN A 208 14.63 -3.44 -1.62
CA ASN A 208 15.59 -4.26 -2.36
C ASN A 208 16.37 -3.41 -3.34
N ARG A 209 15.70 -2.46 -3.99
CA ARG A 209 16.40 -1.55 -4.88
C ARG A 209 17.43 -0.74 -4.11
N VAL A 210 17.16 -0.43 -2.85
CA VAL A 210 18.16 0.26 -2.04
C VAL A 210 19.26 -0.70 -1.64
N MET A 211 18.91 -1.97 -1.42
CA MET A 211 19.93 -2.96 -1.06
C MET A 211 20.83 -3.28 -2.24
N GLU A 212 20.24 -3.37 -3.44
CA GLU A 212 20.99 -3.57 -4.67
C GLU A 212 21.71 -2.32 -5.13
N GLN A 213 21.54 -1.20 -4.42
CA GLN A 213 22.12 0.08 -4.78
C GLN A 213 21.76 0.44 -6.23
N ASP A 214 20.47 0.53 -6.47
CA ASP A 214 19.96 0.84 -7.80
C ASP A 214 20.48 2.20 -8.24
N PRO A 215 21.02 2.32 -9.45
CA PRO A 215 21.52 3.63 -9.91
C PRO A 215 20.43 4.66 -10.06
N ALA A 216 19.18 4.25 -10.25
CA ALA A 216 18.10 5.22 -10.35
C ALA A 216 17.87 5.96 -9.04
N ILE A 217 18.12 5.28 -7.91
CA ILE A 217 18.00 5.95 -6.62
C ILE A 217 19.07 7.01 -6.47
N ALA A 218 20.32 6.69 -6.81
CA ALA A 218 21.39 7.68 -6.75
C ALA A 218 21.12 8.83 -7.71
N ARG A 219 20.58 8.52 -8.89
CA ARG A 219 20.22 9.56 -9.84
C ARG A 219 19.15 10.49 -9.28
N ALA A 220 18.16 9.92 -8.58
CA ALA A 220 17.11 10.73 -7.99
C ALA A 220 17.66 11.59 -6.85
N ILE A 221 18.54 11.03 -6.04
CA ILE A 221 19.14 11.81 -4.94
C ILE A 221 19.98 12.94 -5.49
N ALA A 222 20.71 12.69 -6.59
CA ALA A 222 21.52 13.74 -7.19
C ALA A 222 20.65 14.81 -7.84
N LYS A 223 19.57 14.39 -8.53
CA LYS A 223 18.65 15.31 -9.15
C LYS A 223 17.79 16.06 -8.14
N GLY A 224 17.79 15.64 -6.89
CA GLY A 224 17.06 16.37 -5.86
C GLY A 224 18.00 17.28 -5.10
N LEU A 225 19.21 16.80 -4.84
CA LEU A 225 20.25 17.64 -4.27
C LEU A 225 20.86 18.58 -5.30
N ARG A 226 20.51 18.41 -6.58
CA ARG A 226 21.01 19.27 -7.66
C ARG A 226 22.52 19.23 -7.75
N GLY A 227 23.09 18.03 -7.63
CA GLY A 227 24.51 17.83 -7.75
C GLY A 227 25.30 17.99 -6.46
N ASP A 228 24.65 18.41 -5.37
CA ASP A 228 25.35 18.58 -4.11
C ASP A 228 25.96 17.26 -3.64
N PHE A 229 27.10 17.36 -2.97
CA PHE A 229 27.77 16.19 -2.45
C PHE A 229 26.99 15.62 -1.27
N TYR A 230 26.77 14.31 -1.28
CA TYR A 230 26.24 13.61 -0.12
C TYR A 230 27.10 12.38 0.12
N ASP A 231 27.46 12.17 1.39
CA ASP A 231 28.30 11.04 1.75
C ASP A 231 27.44 9.78 1.90
N GLY A 232 28.09 8.66 2.20
CA GLY A 232 27.38 7.42 2.37
C GLY A 232 27.17 6.69 1.07
N LYS A 233 26.42 5.60 1.15
CA LYS A 233 26.06 4.84 -0.04
C LYS A 233 25.32 5.74 -1.02
N PRO A 234 25.73 5.78 -2.29
CA PRO A 234 25.11 6.73 -3.23
C PRO A 234 23.63 6.53 -3.44
N SER A 235 23.11 5.31 -3.23
CA SER A 235 21.69 5.05 -3.33
C SER A 235 21.00 5.03 -1.98
N GLY A 236 21.73 5.24 -0.89
CA GLY A 236 21.13 5.35 0.41
C GLY A 236 21.13 4.05 1.18
N GLU A 237 20.49 4.10 2.34
CA GLU A 237 20.33 2.94 3.21
C GLU A 237 18.92 3.00 3.79
N VAL A 238 18.37 1.83 4.11
CA VAL A 238 17.04 1.74 4.69
C VAL A 238 17.19 1.53 6.19
N ARG A 239 16.58 2.40 6.98
CA ARG A 239 16.63 2.29 8.44
C ARG A 239 15.52 1.39 8.96
N PHE A 240 14.27 1.73 8.64
CA PHE A 240 13.11 0.97 9.10
C PHE A 240 12.21 0.63 7.94
N LEU A 241 11.80 -0.63 7.87
CA LEU A 241 10.83 -1.10 6.89
C LEU A 241 9.56 -1.46 7.64
N GLY A 242 8.50 -0.69 7.41
CA GLY A 242 7.24 -0.94 8.09
C GLY A 242 6.17 -1.41 7.14
N LEU A 243 5.74 -2.66 7.28
CA LEU A 243 4.80 -3.28 6.38
C LEU A 243 3.52 -3.61 7.13
N PHE A 244 2.37 -3.37 6.50
CA PHE A 244 1.11 -3.56 7.18
C PHE A 244 0.37 -4.84 6.80
N ASP A 245 0.27 -5.18 5.51
CA ASP A 245 -0.15 -6.53 5.16
C ASP A 245 0.26 -6.84 3.73
N THR A 246 1.41 -7.48 3.52
CA THR A 246 1.96 -7.58 2.18
C THR A 246 1.10 -8.50 1.32
N VAL A 247 0.46 -7.92 0.31
CA VAL A 247 -0.28 -8.66 -0.71
C VAL A 247 0.31 -8.21 -2.04
N ALA A 248 1.17 -9.04 -2.63
CA ALA A 248 1.90 -8.64 -3.82
C ALA A 248 0.94 -8.32 -4.97
N ALA A 249 -0.06 -9.15 -5.18
CA ALA A 249 -1.03 -8.96 -6.26
C ALA A 249 -2.43 -9.21 -5.74
N ILE A 250 -3.35 -8.34 -6.12
CA ILE A 250 -4.77 -8.54 -5.82
C ILE A 250 -5.47 -8.83 -7.13
N GLY A 251 -5.58 -10.10 -7.48
CA GLY A 251 -6.01 -10.51 -8.79
C GLY A 251 -4.87 -11.10 -9.60
N GLY A 252 -5.04 -11.07 -10.91
CA GLY A 252 -4.02 -11.58 -11.80
C GLY A 252 -4.37 -11.30 -13.24
N ILE A 253 -3.48 -11.74 -14.13
CA ILE A 253 -3.68 -11.64 -15.57
C ILE A 253 -3.50 -12.97 -16.27
N SER A 254 -3.34 -14.06 -15.53
CA SER A 254 -3.00 -15.34 -16.17
C SER A 254 -4.11 -15.83 -17.08
N ASN A 255 -5.36 -15.56 -16.72
CA ASN A 255 -6.51 -16.04 -17.48
C ASN A 255 -7.07 -15.00 -18.44
N PHE A 256 -6.46 -13.82 -18.53
CA PHE A 256 -6.86 -12.81 -19.50
C PHE A 256 -6.23 -13.14 -20.84
N PHE A 257 -7.06 -13.42 -21.84
CA PHE A 257 -6.55 -13.80 -23.15
C PHE A 257 -5.69 -12.71 -23.76
N ASP A 258 -6.06 -11.45 -23.55
CA ASP A 258 -5.42 -10.35 -24.25
C ASP A 258 -3.99 -10.13 -23.78
N ILE A 259 -3.73 -10.30 -22.48
CA ILE A 259 -2.51 -9.81 -21.86
C ILE A 259 -1.75 -10.86 -21.08
N ASN A 260 -2.21 -12.11 -21.05
CA ASN A 260 -1.51 -13.12 -20.25
C ASN A 260 -0.12 -13.43 -20.78
N GLY A 261 0.20 -12.97 -21.99
CA GLY A 261 1.53 -13.24 -22.54
C GLY A 261 2.63 -12.55 -21.76
N ARG A 262 2.35 -11.35 -21.23
CA ARG A 262 3.33 -10.63 -20.45
C ARG A 262 3.79 -11.44 -19.25
N SER A 263 5.10 -11.44 -19.01
CA SER A 263 5.68 -12.18 -17.90
C SER A 263 5.39 -11.45 -16.58
N ASN A 264 5.61 -12.16 -15.48
CA ASN A 264 5.40 -11.57 -14.17
C ASN A 264 6.33 -10.37 -13.96
N PRO A 265 5.91 -9.37 -13.21
CA PRO A 265 6.79 -8.24 -12.95
C PRO A 265 7.95 -8.66 -12.05
N GLY A 266 9.09 -8.01 -12.25
CA GLY A 266 10.25 -8.36 -11.47
C GLY A 266 10.22 -7.75 -10.09
N VAL A 267 9.22 -8.13 -9.30
CA VAL A 267 9.08 -7.60 -7.95
C VAL A 267 9.95 -8.42 -7.00
N LYS A 268 10.76 -7.73 -6.22
CA LYS A 268 11.66 -8.36 -5.27
C LYS A 268 11.04 -8.18 -3.89
N LEU A 269 10.61 -9.29 -3.29
CA LEU A 269 9.89 -9.25 -2.02
C LEU A 269 10.63 -9.97 -0.91
N GLU A 270 11.81 -10.50 -1.17
CA GLU A 270 12.57 -11.23 -0.17
C GLU A 270 13.47 -10.25 0.56
N LEU A 271 13.44 -10.31 1.88
CA LEU A 271 14.12 -9.33 2.72
C LEU A 271 15.30 -10.03 3.41
N ARG A 272 16.48 -9.83 2.87
CA ARG A 272 17.68 -10.45 3.40
C ARG A 272 18.18 -9.64 4.60
N PRO A 273 19.02 -10.23 5.46
CA PRO A 273 19.33 -9.59 6.75
C PRO A 273 19.95 -8.20 6.65
N SER A 274 20.29 -7.74 5.45
CA SER A 274 20.85 -6.41 5.28
C SER A 274 19.93 -5.49 4.49
N VAL A 275 18.66 -5.88 4.30
CA VAL A 275 17.74 -5.04 3.54
C VAL A 275 17.41 -3.78 4.31
N ALA A 276 17.49 -3.83 5.64
CA ALA A 276 17.18 -2.70 6.50
C ALA A 276 17.73 -3.01 7.89
N LYS A 277 17.83 -1.97 8.71
CA LYS A 277 18.33 -2.16 10.06
C LYS A 277 17.26 -2.76 10.96
N LYS A 278 16.03 -2.29 10.83
CA LYS A 278 14.88 -2.86 11.53
C LYS A 278 13.74 -3.03 10.55
N VAL A 279 13.08 -4.19 10.60
CA VAL A 279 11.92 -4.48 9.77
C VAL A 279 10.82 -4.97 10.70
N PHE A 280 9.59 -4.46 10.49
CA PHE A 280 8.44 -4.89 11.26
C PHE A 280 7.25 -5.02 10.34
N GLN A 281 6.56 -6.15 10.43
CA GLN A 281 5.29 -6.34 9.73
C GLN A 281 4.18 -6.68 10.72
N ILE A 282 3.03 -6.07 10.52
CA ILE A 282 1.80 -6.50 11.15
C ILE A 282 1.04 -7.34 10.14
N THR A 283 0.31 -8.33 10.62
CA THR A 283 -0.39 -9.27 9.75
C THR A 283 -1.83 -9.40 10.22
N ALA A 284 -2.75 -9.49 9.25
CA ALA A 284 -4.16 -9.63 9.56
C ALA A 284 -4.47 -11.09 9.88
N MET A 285 -4.93 -11.34 11.11
CA MET A 285 -5.27 -12.70 11.51
C MET A 285 -6.61 -13.15 11.00
N ASN A 286 -7.48 -12.22 10.59
CA ASN A 286 -8.82 -12.54 10.14
C ASN A 286 -9.04 -12.01 8.73
N GLU A 287 -8.01 -12.12 7.89
CA GLU A 287 -8.13 -11.86 6.46
C GLU A 287 -8.12 -13.21 5.76
N TYR A 288 -9.15 -13.47 4.96
CA TYR A 288 -9.38 -14.80 4.43
C TYR A 288 -9.67 -14.80 2.94
N ARG A 289 -9.64 -13.66 2.28
CA ARG A 289 -10.02 -13.57 0.88
C ARG A 289 -9.02 -14.31 0.00
N TYR A 290 -9.51 -14.74 -1.16
CA TYR A 290 -8.65 -15.44 -2.10
C TYR A 290 -7.73 -14.48 -2.84
N ASN A 291 -8.25 -13.31 -3.20
CA ASN A 291 -7.46 -12.31 -3.92
C ASN A 291 -6.52 -11.55 -3.01
N PHE A 292 -6.55 -11.82 -1.70
CA PHE A 292 -5.68 -11.14 -0.73
C PHE A 292 -4.92 -12.22 0.00
N SER A 293 -3.81 -12.64 -0.58
CA SER A 293 -2.93 -13.64 0.02
C SER A 293 -1.70 -12.94 0.58
N LEU A 294 -1.24 -13.40 1.72
CA LEU A 294 -0.17 -12.75 2.46
C LEU A 294 1.19 -13.14 1.92
N ASN A 295 2.10 -12.18 1.86
CA ASN A 295 3.52 -12.45 1.73
C ASN A 295 4.15 -12.19 3.10
N SER A 296 4.53 -13.26 3.77
CA SER A 296 4.93 -13.18 5.17
C SER A 296 6.44 -13.11 5.30
N ILE A 297 6.89 -12.38 6.32
CA ILE A 297 8.28 -12.28 6.69
C ILE A 297 8.56 -13.00 8.00
N LYS A 298 7.67 -13.90 8.39
CA LYS A 298 7.80 -14.62 9.66
C LYS A 298 8.97 -15.59 9.59
N GLY A 299 9.79 -15.60 10.63
CA GLY A 299 10.96 -16.43 10.71
C GLY A 299 12.24 -15.70 10.35
N MET A 300 12.17 -14.74 9.42
CA MET A 300 13.32 -13.94 9.01
C MET A 300 13.35 -12.59 9.70
N TRP A 301 12.21 -11.91 9.78
CA TRP A 301 12.10 -10.60 10.41
C TRP A 301 10.93 -10.61 11.39
N PRO A 302 10.90 -9.65 12.31
CA PRO A 302 9.79 -9.60 13.27
C PRO A 302 8.45 -9.36 12.58
N GLU A 303 7.49 -10.23 12.87
CA GLU A 303 6.18 -10.17 12.27
C GLU A 303 5.14 -10.37 13.36
N LEU A 304 4.19 -9.45 13.45
CA LEU A 304 3.10 -9.51 14.41
C LEU A 304 1.80 -9.83 13.70
N ALA A 305 1.19 -10.94 14.06
CA ALA A 305 -0.15 -11.27 13.58
C ALA A 305 -1.16 -10.67 14.53
N LEU A 306 -2.04 -9.82 14.01
CA LEU A 306 -2.96 -9.08 14.84
C LEU A 306 -4.38 -9.32 14.38
N PRO A 307 -5.32 -9.49 15.30
CA PRO A 307 -6.70 -9.77 14.92
C PRO A 307 -7.29 -8.64 14.08
N GLY A 308 -7.96 -9.01 13.00
CA GLY A 308 -8.57 -8.04 12.13
C GLY A 308 -8.49 -8.48 10.69
N ALA A 309 -9.14 -7.72 9.83
CA ALA A 309 -9.13 -7.95 8.40
C ALA A 309 -7.96 -7.18 7.78
N HIS A 310 -7.94 -7.09 6.46
CA HIS A 310 -6.84 -6.44 5.76
C HIS A 310 -6.83 -4.93 6.04
N SER A 311 -7.97 -4.28 5.85
CA SER A 311 -8.10 -2.85 6.13
C SER A 311 -8.43 -2.57 7.58
N ASP A 312 -8.37 -3.59 8.45
CA ASP A 312 -8.39 -3.39 9.88
C ASP A 312 -6.99 -3.42 10.45
N ILE A 313 -6.01 -3.78 9.62
CA ILE A 313 -4.60 -3.71 9.97
C ILE A 313 -3.94 -2.53 9.29
N GLY A 314 -4.26 -2.31 8.02
CA GLY A 314 -3.68 -1.18 7.32
C GLY A 314 -4.58 0.04 7.20
N GLY A 315 -5.78 0.00 7.76
CA GLY A 315 -6.69 1.11 7.66
C GLY A 315 -7.43 1.13 6.33
N GLY A 316 -8.51 1.89 6.29
CA GLY A 316 -9.25 2.03 5.05
C GLY A 316 -10.75 1.86 5.19
N TYR A 317 -11.24 1.72 6.41
CA TYR A 317 -12.66 1.56 6.68
C TYR A 317 -13.23 2.86 7.22
N ASN A 318 -14.34 3.30 6.67
CA ASN A 318 -14.94 4.55 7.07
C ASN A 318 -15.53 4.45 8.47
N PRO A 319 -15.59 5.56 9.21
CA PRO A 319 -16.09 5.53 10.58
C PRO A 319 -17.58 5.24 10.64
N VAL A 320 -18.04 4.97 11.87
CA VAL A 320 -19.41 4.52 12.10
C VAL A 320 -20.41 5.59 11.69
N GLY A 321 -20.11 6.85 11.95
CA GLY A 321 -21.09 7.91 11.73
C GLY A 321 -21.03 8.58 10.37
N SER A 322 -20.11 8.18 9.50
CA SER A 322 -20.01 8.78 8.19
C SER A 322 -21.17 8.32 7.30
N PRO A 323 -21.46 9.07 6.23
CA PRO A 323 -22.40 8.56 5.22
C PRO A 323 -21.91 7.31 4.53
N LEU A 324 -20.60 7.05 4.55
CA LEU A 324 -20.01 5.87 3.93
C LEU A 324 -19.75 4.79 4.98
N GLN A 325 -20.58 4.76 6.02
CA GLN A 325 -20.43 3.82 7.12
C GLN A 325 -20.39 2.38 6.60
N GLU A 326 -19.56 1.56 7.23
CA GLU A 326 -19.40 0.17 6.84
C GLU A 326 -20.50 -0.66 7.47
N ASN A 327 -21.47 -1.06 6.64
CA ASN A 327 -22.52 -1.98 7.03
C ASN A 327 -22.33 -3.26 6.24
N GLU A 328 -22.26 -4.38 6.95
CA GLU A 328 -21.96 -5.67 6.34
C GLU A 328 -23.25 -6.44 6.11
N SER A 329 -23.63 -6.59 4.85
CA SER A 329 -24.69 -7.49 4.43
C SER A 329 -24.05 -8.43 3.42
N LEU A 330 -23.62 -9.61 3.89
CA LEU A 330 -22.66 -10.41 3.14
C LEU A 330 -23.19 -11.82 2.92
N PHE A 331 -22.99 -12.34 1.71
CA PHE A 331 -23.20 -13.75 1.47
C PHE A 331 -21.97 -14.50 1.95
N LEU A 332 -22.16 -15.36 2.95
CA LEU A 332 -21.06 -16.16 3.48
C LEU A 332 -21.03 -17.54 2.86
N SER A 333 -21.97 -17.83 1.97
CA SER A 333 -21.94 -18.99 1.11
C SER A 333 -22.29 -18.54 -0.30
N CYS A 334 -21.79 -19.26 -1.28
CA CYS A 334 -22.16 -18.95 -2.65
C CYS A 334 -23.63 -19.30 -2.85
N PRO A 335 -24.48 -18.35 -3.23
CA PRO A 335 -25.91 -18.65 -3.36
C PRO A 335 -26.14 -19.71 -4.41
N GLU A 336 -26.99 -20.68 -4.07
CA GLU A 336 -27.24 -21.81 -4.95
C GLU A 336 -28.72 -21.86 -5.28
N PHE A 337 -29.04 -22.02 -6.56
CA PHE A 337 -30.40 -22.00 -7.06
C PHE A 337 -30.74 -23.31 -7.73
N GLU A 338 -32.00 -23.74 -7.59
CA GLU A 338 -32.48 -24.90 -8.30
C GLU A 338 -33.97 -24.77 -8.52
N ILE A 339 -34.47 -25.36 -9.61
CA ILE A 339 -35.87 -25.30 -9.98
C ILE A 339 -36.56 -26.54 -9.43
N VAL A 340 -37.69 -26.32 -8.75
CA VAL A 340 -38.46 -27.39 -8.13
C VAL A 340 -39.95 -27.11 -8.36
N SER A 341 -40.78 -28.01 -7.87
CA SER A 341 -42.23 -27.84 -7.97
C SER A 341 -42.71 -26.79 -6.98
N ASP A 342 -43.72 -26.02 -7.38
CA ASP A 342 -44.22 -24.95 -6.52
C ASP A 342 -44.79 -25.48 -5.21
N ASP A 343 -45.18 -26.76 -5.16
CA ASP A 343 -45.66 -27.33 -3.92
C ASP A 343 -44.52 -27.57 -2.94
N THR A 344 -43.32 -27.84 -3.44
CA THR A 344 -42.18 -28.16 -2.60
C THR A 344 -41.88 -27.03 -1.63
N ARG A 345 -41.65 -27.39 -0.37
CA ARG A 345 -41.31 -26.41 0.65
C ARG A 345 -39.89 -25.92 0.44
N GLU A 346 -39.69 -24.60 0.56
CA GLU A 346 -38.38 -24.02 0.35
C GLU A 346 -37.33 -24.60 1.30
N MET A 347 -37.75 -25.00 2.50
CA MET A 347 -36.87 -25.56 3.50
C MET A 347 -36.68 -27.06 3.32
N ASP A 348 -37.23 -27.64 2.26
CA ASP A 348 -37.05 -29.04 1.94
C ASP A 348 -36.36 -29.18 0.60
N THR A 349 -35.38 -28.31 0.35
CA THR A 349 -34.72 -28.19 -0.93
C THR A 349 -33.23 -28.46 -0.74
N ARG A 350 -32.57 -28.92 -1.81
CA ARG A 350 -31.14 -29.19 -1.74
C ARG A 350 -30.36 -27.93 -1.42
N VAL A 351 -30.75 -26.80 -2.01
CA VAL A 351 -30.01 -25.56 -1.78
C VAL A 351 -30.15 -25.11 -0.34
N TYR A 352 -31.33 -25.30 0.26
CA TYR A 352 -31.51 -24.95 1.66
C TYR A 352 -30.67 -25.84 2.57
N ARG A 353 -30.60 -27.13 2.25
CA ARG A 353 -29.80 -28.04 3.06
C ARG A 353 -28.32 -27.69 2.95
N LYS A 354 -27.88 -27.32 1.76
CA LYS A 354 -26.49 -26.91 1.59
C LYS A 354 -26.20 -25.62 2.35
N ALA A 355 -27.11 -24.66 2.28
CA ALA A 355 -26.90 -23.40 2.99
C ALA A 355 -26.90 -23.60 4.49
N GLU A 356 -27.75 -24.48 5.00
CA GLU A 356 -27.76 -24.74 6.43
C GLU A 356 -26.51 -25.47 6.87
N GLN A 357 -26.01 -26.39 6.03
CA GLN A 357 -24.73 -27.02 6.32
C GLN A 357 -23.62 -25.99 6.39
N VAL A 358 -23.59 -25.05 5.45
CA VAL A 358 -22.57 -24.01 5.46
C VAL A 358 -22.71 -23.12 6.69
N ARG A 359 -23.94 -22.81 7.09
CA ARG A 359 -24.15 -21.96 8.26
C ARG A 359 -23.67 -22.65 9.53
N LYS A 360 -23.96 -23.95 9.67
CA LYS A 360 -23.51 -24.66 10.86
C LYS A 360 -22.01 -24.94 10.82
N MET A 361 -21.40 -24.92 9.63
CA MET A 361 -19.95 -24.98 9.56
C MET A 361 -19.31 -23.67 9.95
N LEU A 362 -19.94 -22.55 9.56
CA LEU A 362 -19.39 -21.24 9.87
C LEU A 362 -19.60 -20.88 11.33
N MET A 363 -20.65 -21.41 11.95
CA MET A 363 -20.89 -21.15 13.36
C MET A 363 -19.93 -21.89 14.27
N THR A 364 -19.19 -22.84 13.74
CA THR A 364 -18.12 -23.52 14.47
C THR A 364 -16.74 -23.18 13.95
N LEU A 365 -16.64 -22.55 12.78
CA LEU A 365 -15.36 -22.14 12.23
C LEU A 365 -14.65 -21.21 13.20
N PRO A 366 -13.39 -21.47 13.56
CA PRO A 366 -12.65 -20.52 14.40
C PRO A 366 -12.25 -19.26 13.68
N ALA A 367 -12.29 -19.26 12.35
CA ALA A 367 -11.96 -18.06 11.58
C ALA A 367 -12.95 -16.94 11.85
N LEU A 368 -14.23 -17.27 12.00
CA LEU A 368 -15.28 -16.30 12.25
C LEU A 368 -15.83 -16.41 13.67
N LYS A 369 -15.08 -17.04 14.57
CA LYS A 369 -15.56 -17.28 15.92
C LYS A 369 -15.90 -15.99 16.64
N HIS A 370 -15.16 -14.92 16.37
CA HIS A 370 -15.31 -13.67 17.10
C HIS A 370 -16.00 -12.58 16.29
N ILE A 371 -16.27 -12.82 15.01
CA ILE A 371 -16.94 -11.85 14.16
C ILE A 371 -18.43 -12.10 14.07
N LEU A 372 -18.86 -13.36 14.15
CA LEU A 372 -20.26 -13.75 14.02
C LEU A 372 -21.11 -13.36 15.22
N PRO A 373 -20.61 -13.42 16.46
CA PRO A 373 -21.45 -13.03 17.60
C PRO A 373 -21.85 -11.55 17.59
N HIS A 374 -21.33 -10.74 16.68
CA HIS A 374 -21.63 -9.32 16.65
C HIS A 374 -22.57 -8.96 15.50
N GLY A 375 -23.11 -9.96 14.82
CA GLY A 375 -24.11 -9.79 13.78
C GLY A 375 -24.99 -11.00 13.78
N LYS A 376 -25.99 -11.00 12.91
CA LYS A 376 -26.93 -12.11 12.79
C LYS A 376 -26.56 -12.94 11.57
N LEU A 377 -26.38 -14.24 11.79
CA LEU A 377 -26.08 -15.20 10.73
C LEU A 377 -27.32 -16.03 10.45
N THR A 378 -27.78 -16.02 9.21
CA THR A 378 -29.03 -16.64 8.83
C THR A 378 -28.82 -17.35 7.50
N THR A 379 -29.74 -18.25 7.15
CA THR A 379 -29.85 -18.74 5.78
C THR A 379 -31.02 -18.03 5.12
N LYS A 380 -30.74 -17.34 4.03
CA LYS A 380 -31.73 -16.57 3.31
C LYS A 380 -32.19 -17.35 2.09
N ILE A 381 -33.51 -17.36 1.89
CA ILE A 381 -34.16 -18.11 0.82
C ILE A 381 -34.80 -17.13 -0.14
N ARG A 382 -34.60 -17.35 -1.43
CA ARG A 382 -35.28 -16.64 -2.49
C ARG A 382 -36.13 -17.64 -3.25
N SER A 383 -37.38 -17.28 -3.53
CA SER A 383 -38.27 -18.10 -4.35
C SER A 383 -38.91 -17.23 -5.40
N ILE A 384 -38.67 -17.54 -6.67
CA ILE A 384 -39.34 -16.86 -7.77
C ILE A 384 -40.08 -17.91 -8.60
N GLY A 385 -40.97 -17.44 -9.47
CA GLY A 385 -41.66 -18.33 -10.36
C GLY A 385 -40.85 -18.62 -11.61
N VAL A 386 -41.02 -19.80 -12.18
CA VAL A 386 -40.30 -20.23 -13.37
C VAL A 386 -41.32 -20.38 -14.48
N ASN A 387 -41.15 -19.62 -15.56
CA ASN A 387 -42.06 -19.69 -16.69
C ASN A 387 -41.68 -20.89 -17.56
N ASN A 388 -42.45 -21.96 -17.43
CA ASN A 388 -42.31 -23.12 -18.31
C ASN A 388 -43.71 -23.49 -18.78
N SER A 389 -44.06 -23.07 -20.00
CA SER A 389 -45.40 -23.35 -20.52
C SER A 389 -45.60 -24.83 -20.76
N ASN A 390 -44.53 -25.55 -21.13
CA ASN A 390 -44.63 -26.97 -21.39
C ASN A 390 -45.10 -27.71 -20.14
N GLN A 391 -44.53 -27.35 -18.98
CA GLN A 391 -44.97 -27.98 -17.73
C GLN A 391 -46.31 -27.41 -17.27
N ARG A 392 -46.60 -26.15 -17.60
CA ARG A 392 -47.91 -25.60 -17.28
C ARG A 392 -49.03 -26.38 -17.96
N ARG A 393 -48.79 -26.83 -19.18
CA ARG A 393 -49.78 -27.68 -19.84
C ARG A 393 -49.89 -29.04 -19.16
N ALA A 394 -48.80 -29.51 -18.56
CA ALA A 394 -48.84 -30.73 -17.76
C ALA A 394 -49.40 -30.49 -16.36
N GLY A 395 -49.65 -29.23 -15.99
CA GLY A 395 -50.16 -28.91 -14.68
C GLY A 395 -49.11 -28.59 -13.65
N VAL A 396 -47.84 -28.76 -13.98
CA VAL A 396 -46.75 -28.56 -13.04
C VAL A 396 -46.36 -27.08 -13.04
N ILE A 397 -46.63 -26.40 -11.95
CA ILE A 397 -46.10 -25.06 -11.74
C ILE A 397 -44.74 -25.20 -11.08
N GLN A 398 -43.81 -24.31 -11.42
CA GLN A 398 -42.43 -24.46 -11.00
C GLN A 398 -41.89 -23.17 -10.40
N LYS A 399 -40.97 -23.33 -9.45
CA LYS A 399 -40.34 -22.20 -8.79
C LYS A 399 -38.84 -22.42 -8.78
N GLN A 400 -38.10 -21.31 -8.89
CA GLN A 400 -36.67 -21.34 -8.64
C GLN A 400 -36.45 -20.95 -7.19
N VAL A 401 -35.84 -21.86 -6.42
CA VAL A 401 -35.53 -21.64 -5.02
C VAL A 401 -34.01 -21.54 -4.91
N GLY A 402 -33.54 -20.43 -4.38
CA GLY A 402 -32.13 -20.24 -4.10
C GLY A 402 -31.94 -20.05 -2.61
N ALA A 403 -30.81 -20.53 -2.11
CA ALA A 403 -30.47 -20.39 -0.70
C ALA A 403 -29.03 -19.94 -0.58
N ALA A 404 -28.78 -19.09 0.43
CA ALA A 404 -27.43 -18.67 0.75
C ALA A 404 -27.32 -18.43 2.25
N VAL A 405 -26.10 -18.26 2.72
CA VAL A 405 -25.85 -17.87 4.11
C VAL A 405 -25.55 -16.38 4.15
N PHE A 406 -26.34 -15.63 4.92
CA PHE A 406 -26.23 -14.19 5.02
C PHE A 406 -25.76 -13.78 6.41
N PHE A 407 -24.84 -12.85 6.45
CA PHE A 407 -24.38 -12.22 7.67
C PHE A 407 -24.76 -10.75 7.64
N GLU A 408 -25.46 -10.29 8.68
CA GLU A 408 -25.87 -8.90 8.79
C GLU A 408 -25.26 -8.30 10.04
N ARG A 409 -24.41 -7.30 9.87
CA ARG A 409 -23.85 -6.54 10.97
C ARG A 409 -23.89 -5.07 10.58
N MET A 410 -24.23 -4.21 11.54
CA MET A 410 -24.44 -2.80 11.26
C MET A 410 -23.49 -1.95 12.08
N ALA A 411 -22.97 -0.91 11.46
CA ALA A 411 -22.12 0.09 12.11
C ALA A 411 -20.87 -0.56 12.70
N VAL A 412 -20.07 -1.16 11.83
CA VAL A 412 -18.81 -1.77 12.24
C VAL A 412 -17.79 -0.67 12.50
N PRO A 413 -17.33 -0.51 13.74
CA PRO A 413 -16.33 0.54 14.03
C PRO A 413 -14.98 0.24 13.41
N ASN A 414 -14.27 1.30 13.04
CA ASN A 414 -12.97 1.21 12.39
C ASN A 414 -11.81 1.54 13.32
N ASP A 415 -11.98 1.32 14.63
CA ASP A 415 -11.04 1.79 15.62
C ASP A 415 -9.86 0.83 15.86
N TRP A 416 -9.81 -0.32 15.19
CA TRP A 416 -8.72 -1.25 15.41
C TRP A 416 -7.52 -0.94 14.52
N ALA A 417 -7.72 -0.18 13.45
CA ALA A 417 -6.60 0.29 12.66
C ALA A 417 -5.83 1.38 13.37
N ASN A 418 -6.44 2.05 14.34
CA ASN A 418 -5.69 2.96 15.20
C ASN A 418 -4.77 2.19 16.14
N VAL A 419 -5.23 1.04 16.63
CA VAL A 419 -4.37 0.18 17.43
C VAL A 419 -3.20 -0.33 16.59
N CYS A 420 -3.48 -0.76 15.36
CA CYS A 420 -2.40 -1.21 14.49
C CYS A 420 -1.44 -0.07 14.15
N LEU A 421 -1.98 1.15 14.00
CA LEU A 421 -1.15 2.32 13.82
C LEU A 421 -0.22 2.52 15.01
N ARG A 422 -0.74 2.38 16.21
CA ARG A 422 0.09 2.59 17.40
C ARG A 422 1.16 1.51 17.53
N VAL A 423 0.84 0.29 17.12
CA VAL A 423 1.87 -0.76 17.12
C VAL A 423 2.98 -0.44 16.13
N MET A 424 2.61 -0.01 14.92
CA MET A 424 3.63 0.36 13.94
C MET A 424 4.43 1.58 14.40
N LEU A 425 3.77 2.52 15.08
CA LEU A 425 4.48 3.68 15.62
C LEU A 425 5.49 3.26 16.67
N ASP A 426 5.11 2.31 17.53
CA ASP A 426 6.05 1.81 18.53
C ASP A 426 7.24 1.14 17.89
N ALA A 427 6.99 0.31 16.87
CA ALA A 427 8.09 -0.37 16.18
C ALA A 427 9.03 0.64 15.52
N ALA A 428 8.46 1.62 14.81
CA ALA A 428 9.29 2.59 14.12
C ALA A 428 10.08 3.46 15.11
N GLN A 429 9.44 3.87 16.20
CA GLN A 429 10.13 4.67 17.21
C GLN A 429 11.23 3.87 17.88
N GLU A 430 11.06 2.55 18.03
CA GLU A 430 12.18 1.73 18.47
C GLU A 430 13.29 1.73 17.44
N ALA A 431 12.95 1.68 16.16
CA ALA A 431 13.96 1.68 15.12
C ALA A 431 14.73 3.00 15.02
N GLY A 432 14.26 4.05 15.68
CA GLY A 432 14.91 5.36 15.63
C GLY A 432 14.11 6.41 14.90
N VAL A 433 12.99 6.05 14.29
CA VAL A 433 12.19 7.02 13.53
C VAL A 433 11.50 7.98 14.50
N LEU A 434 11.44 9.24 14.10
CA LEU A 434 10.80 10.28 14.91
C LEU A 434 9.40 10.54 14.37
N PHE A 435 8.41 10.44 15.25
CA PHE A 435 7.02 10.65 14.90
C PHE A 435 6.44 11.70 15.83
N GLU A 436 5.59 12.55 15.29
CA GLU A 436 4.87 13.47 16.13
C GLU A 436 3.93 12.69 17.06
N PRO A 437 3.75 13.14 18.29
CA PRO A 437 2.87 12.42 19.22
C PRO A 437 1.44 12.40 18.71
N ILE A 438 0.73 11.35 19.08
CA ILE A 438 -0.71 11.27 18.85
C ILE A 438 -1.39 12.06 19.95
N ARG A 439 -2.05 13.15 19.59
CA ARG A 439 -2.63 14.07 20.55
C ARG A 439 -4.16 13.97 20.49
N GLN A 440 -4.80 14.58 21.49
CA GLN A 440 -6.25 14.68 21.48
C GLN A 440 -6.73 15.53 20.30
N THR A 441 -5.86 16.37 19.75
CA THR A 441 -6.18 17.09 18.52
C THR A 441 -6.58 16.13 17.41
N ASN A 442 -5.87 15.01 17.29
CA ASN A 442 -6.22 13.97 16.32
C ASN A 442 -7.33 13.13 16.93
N THR A 443 -8.58 13.45 16.60
CA THR A 443 -9.71 12.68 17.08
C THR A 443 -10.05 11.50 16.18
N GLU A 444 -9.49 11.46 14.98
CA GLU A 444 -9.59 10.29 14.13
C GLU A 444 -8.66 9.17 14.59
N LEU A 445 -7.74 9.46 15.50
CA LEU A 445 -6.76 8.50 15.98
C LEU A 445 -6.97 8.14 17.45
N GLN A 446 -8.03 8.66 18.06
CA GLN A 446 -8.29 8.40 19.46
C GLN A 446 -9.04 7.08 19.61
N LEU A 447 -8.61 6.30 20.60
CA LEU A 447 -9.08 4.95 20.84
C LEU A 447 -10.25 4.96 21.83
N PRO A 448 -11.28 4.16 21.58
CA PRO A 448 -12.34 3.99 22.57
C PRO A 448 -11.78 3.38 23.84
N SER A 449 -12.44 3.63 24.96
CA SER A 449 -11.99 3.08 26.23
C SER A 449 -11.92 1.57 26.17
N GLU A 450 -12.92 0.93 25.55
CA GLU A 450 -12.93 -0.51 25.39
C GLU A 450 -11.66 -1.02 24.73
N LEU A 451 -11.07 -0.21 23.85
CA LEU A 451 -9.90 -0.60 23.09
C LEU A 451 -8.60 -0.02 23.65
N ILE A 452 -8.65 0.69 24.78
CA ILE A 452 -7.42 1.33 25.27
C ILE A 452 -6.46 0.28 25.82
N PHE A 453 -6.89 -0.48 26.82
CA PHE A 453 -6.00 -1.46 27.43
C PHE A 453 -5.57 -2.50 26.42
N LEU A 454 -6.50 -2.95 25.58
CA LEU A 454 -6.16 -3.91 24.53
C LEU A 454 -5.06 -3.37 23.64
N ALA A 455 -5.12 -2.08 23.31
CA ALA A 455 -4.07 -1.51 22.49
C ALA A 455 -2.72 -1.66 23.18
N ASP A 456 -2.67 -1.36 24.48
CA ASP A 456 -1.45 -1.57 25.23
C ASP A 456 -0.97 -3.00 25.06
N LYS A 457 -1.87 -3.96 25.22
CA LYS A 457 -1.48 -5.36 25.06
C LYS A 457 -0.93 -5.59 23.67
N ALA A 458 -1.62 -5.07 22.65
CA ALA A 458 -1.13 -5.23 21.29
C ALA A 458 0.26 -4.62 21.15
N ILE A 459 0.47 -3.43 21.72
CA ILE A 459 1.79 -2.82 21.66
C ILE A 459 2.80 -3.72 22.35
N ALA A 460 2.43 -4.27 23.50
CA ALA A 460 3.34 -5.19 24.18
C ALA A 460 3.63 -6.39 23.30
N GLN A 461 2.61 -6.90 22.62
CA GLN A 461 2.81 -8.03 21.73
C GLN A 461 3.83 -7.68 20.67
N GLY A 462 3.75 -6.46 20.12
CA GLY A 462 4.74 -6.06 19.14
C GLY A 462 6.13 -6.11 19.72
N LYS A 463 6.31 -5.56 20.92
CA LYS A 463 7.61 -5.62 21.57
C LYS A 463 8.09 -7.06 21.67
N ALA A 464 7.18 -7.97 22.03
CA ALA A 464 7.56 -9.37 22.18
C ALA A 464 8.09 -9.93 20.88
N VAL A 465 7.43 -9.63 19.76
CA VAL A 465 7.91 -10.15 18.49
C VAL A 465 9.18 -9.42 18.07
N ARG A 466 9.34 -8.18 18.52
CA ARG A 466 10.55 -7.43 18.17
C ARG A 466 11.72 -7.86 19.02
N LEU A 467 11.47 -8.23 20.28
CA LEU A 467 12.49 -8.78 21.16
C LEU A 467 12.76 -10.24 20.90
N GLY A 468 12.15 -10.82 19.87
CA GLY A 468 12.36 -12.21 19.53
C GLY A 468 11.52 -13.19 20.31
N GLN A 469 10.79 -12.73 21.32
CA GLN A 469 10.01 -13.61 22.18
C GLN A 469 8.67 -13.93 21.52
N GLU A 470 7.78 -14.56 22.29
CA GLU A 470 6.44 -14.87 21.81
C GLU A 470 5.43 -13.96 22.47
N PRO A 471 4.58 -13.30 21.68
CA PRO A 471 3.61 -12.37 22.26
C PRO A 471 2.58 -13.08 23.12
N GLN A 472 2.12 -12.40 24.16
CA GLN A 472 1.04 -12.90 24.99
C GLN A 472 -0.26 -12.70 24.22
N ALA A 473 -0.86 -13.79 23.76
CA ALA A 473 -1.98 -13.71 22.86
C ALA A 473 -3.20 -13.12 23.57
N PHE A 474 -4.11 -12.58 22.76
CA PHE A 474 -5.35 -12.04 23.29
C PHE A 474 -6.26 -13.17 23.74
N THR A 475 -6.83 -13.03 24.93
CA THR A 475 -7.76 -14.03 25.42
C THR A 475 -9.06 -13.98 24.60
N GLU A 476 -9.90 -14.98 24.79
CA GLU A 476 -11.11 -15.08 23.97
C GLU A 476 -12.10 -13.97 24.30
N GLU A 477 -12.14 -13.53 25.55
CA GLU A 477 -12.94 -12.34 25.87
C GLU A 477 -12.38 -11.11 25.16
N GLU A 478 -11.05 -10.96 25.20
CA GLU A 478 -10.41 -9.87 24.49
C GLU A 478 -10.60 -10.02 22.99
N LEU A 479 -10.58 -11.25 22.48
CA LEU A 479 -10.79 -11.47 21.06
C LEU A 479 -12.23 -11.20 20.65
N TYR A 480 -13.18 -11.35 21.57
CA TYR A 480 -14.57 -10.98 21.31
C TYR A 480 -14.71 -9.45 21.23
N ILE A 481 -14.14 -8.76 22.23
CA ILE A 481 -14.16 -7.31 22.21
C ILE A 481 -13.49 -6.78 20.94
N ILE A 482 -12.42 -7.45 20.50
CA ILE A 482 -11.80 -7.06 19.23
C ILE A 482 -12.69 -7.44 18.07
N GLY A 483 -13.46 -8.52 18.19
CA GLY A 483 -14.40 -8.91 17.16
C GLY A 483 -15.47 -7.90 16.92
N LYS A 484 -15.73 -7.02 17.89
CA LYS A 484 -16.59 -5.88 17.59
C LYS A 484 -16.01 -5.00 16.49
N TYR A 485 -14.69 -4.98 16.35
CA TYR A 485 -14.00 -4.00 15.52
C TYR A 485 -13.39 -4.58 14.26
N THR A 486 -13.38 -5.90 14.09
CA THR A 486 -12.85 -6.51 12.88
C THR A 486 -13.97 -6.72 11.88
N HIS A 487 -13.71 -6.37 10.62
CA HIS A 487 -14.67 -6.49 9.55
C HIS A 487 -14.53 -7.85 8.89
N CYS A 488 -15.67 -8.41 8.46
CA CYS A 488 -15.66 -9.61 7.64
C CYS A 488 -15.49 -9.17 6.20
N SER A 489 -14.29 -9.36 5.65
CA SER A 489 -13.96 -8.88 4.32
C SER A 489 -14.14 -9.92 3.25
N ALA A 490 -14.18 -11.21 3.61
CA ALA A 490 -14.42 -12.28 2.66
C ALA A 490 -15.92 -12.56 2.63
N ASN A 491 -16.51 -12.47 1.44
CA ASN A 491 -17.93 -12.71 1.27
C ASN A 491 -18.16 -13.26 -0.13
N TRP A 492 -19.40 -13.69 -0.37
CA TRP A 492 -19.77 -14.25 -1.65
C TRP A 492 -20.72 -13.30 -2.40
N ASN A 493 -20.59 -12.00 -2.13
CA ASN A 493 -21.35 -11.02 -2.88
C ASN A 493 -20.81 -10.93 -4.30
N ILE A 494 -21.70 -10.89 -5.27
CA ILE A 494 -21.33 -10.89 -6.67
C ILE A 494 -21.30 -9.46 -7.18
N GLU A 495 -20.36 -9.18 -8.06
CA GLU A 495 -20.27 -7.91 -8.76
C GLU A 495 -20.24 -8.19 -10.25
N SER A 496 -20.50 -7.16 -11.04
CA SER A 496 -20.54 -7.30 -12.49
C SER A 496 -19.79 -6.16 -13.15
N ASP A 497 -19.32 -6.44 -14.35
CA ASP A 497 -18.72 -5.43 -15.21
C ASP A 497 -19.13 -5.71 -16.65
N GLY A 498 -19.22 -4.65 -17.45
CA GLY A 498 -19.56 -4.77 -18.84
C GLY A 498 -18.38 -4.66 -19.79
N ASN A 499 -17.15 -4.69 -19.28
CA ASN A 499 -15.96 -4.54 -20.10
C ASN A 499 -15.26 -5.87 -20.34
N LEU A 500 -15.87 -6.98 -19.93
CA LEU A 500 -15.25 -8.29 -20.06
C LEU A 500 -16.30 -9.30 -20.49
N TRP A 501 -15.83 -10.35 -21.15
CA TRP A 501 -16.63 -11.55 -21.38
C TRP A 501 -15.79 -12.74 -20.95
N VAL A 502 -16.34 -13.59 -20.09
CA VAL A 502 -15.62 -14.73 -19.57
C VAL A 502 -16.18 -15.98 -20.21
N ASP A 503 -15.30 -16.82 -20.73
CA ASP A 503 -15.73 -18.05 -21.37
C ASP A 503 -16.38 -18.96 -20.33
N PRO A 504 -17.64 -19.35 -20.51
CA PRO A 504 -18.31 -20.17 -19.50
C PRO A 504 -17.66 -21.52 -19.25
N THR A 505 -16.95 -22.06 -20.23
CA THR A 505 -16.34 -23.38 -20.11
C THR A 505 -14.91 -23.33 -19.63
N THR A 506 -14.10 -22.41 -20.16
CA THR A 506 -12.69 -22.33 -19.80
C THR A 506 -12.43 -21.36 -18.65
N GLY A 507 -13.25 -20.32 -18.53
CA GLY A 507 -12.97 -19.27 -17.57
C GLY A 507 -12.00 -18.22 -18.07
N GLU A 508 -11.64 -18.27 -19.35
CA GLU A 508 -10.75 -17.27 -19.92
C GLU A 508 -11.48 -15.94 -20.06
N ILE A 509 -10.77 -14.85 -19.78
CA ILE A 509 -11.34 -13.51 -19.80
C ILE A 509 -10.94 -12.85 -21.11
N PHE A 510 -11.90 -12.19 -21.74
CA PHE A 510 -11.72 -11.52 -23.02
C PHE A 510 -12.17 -10.07 -22.83
N ILE A 511 -11.23 -9.14 -22.92
CA ILE A 511 -11.56 -7.74 -22.75
C ILE A 511 -12.31 -7.24 -23.97
N HIS A 512 -13.39 -6.49 -23.72
CA HIS A 512 -14.14 -5.86 -24.80
C HIS A 512 -13.34 -4.66 -25.29
N ARG A 513 -12.61 -4.85 -26.39
CA ARG A 513 -11.66 -3.87 -26.87
C ARG A 513 -12.31 -2.78 -27.70
N PHE A 514 -13.59 -2.90 -28.03
CA PHE A 514 -14.30 -1.92 -28.83
C PHE A 514 -15.45 -1.27 -28.07
N GLY A 515 -15.51 -1.45 -26.76
CA GLY A 515 -16.59 -0.93 -25.96
C GLY A 515 -17.46 -2.04 -25.43
N PRO A 516 -18.28 -1.74 -24.42
CA PRO A 516 -19.14 -2.77 -23.83
C PRO A 516 -20.17 -3.27 -24.84
N LYS A 517 -20.40 -4.58 -24.81
CA LYS A 517 -21.31 -5.23 -25.73
C LYS A 517 -22.69 -5.44 -25.13
N GLY A 518 -22.98 -4.82 -23.99
CA GLY A 518 -24.27 -4.94 -23.35
C GLY A 518 -24.40 -6.13 -22.42
N ASN A 519 -23.43 -7.04 -22.40
CA ASN A 519 -23.47 -8.16 -21.49
C ASN A 519 -22.92 -7.77 -20.12
N LYS A 520 -23.12 -8.65 -19.15
CA LYS A 520 -22.56 -8.49 -17.82
C LYS A 520 -21.73 -9.71 -17.48
N ALA A 521 -20.49 -9.48 -17.06
CA ALA A 521 -19.60 -10.53 -16.57
C ALA A 521 -19.55 -10.43 -15.06
N PHE A 522 -19.61 -11.58 -14.40
CA PHE A 522 -19.85 -11.64 -12.96
C PHE A 522 -18.63 -12.21 -12.25
N VAL A 523 -18.22 -11.54 -11.18
CA VAL A 523 -17.06 -11.91 -10.39
C VAL A 523 -17.48 -11.95 -8.92
N PHE A 524 -16.86 -12.84 -8.16
CA PHE A 524 -16.92 -12.74 -6.71
C PHE A 524 -15.62 -12.09 -6.24
N PRO A 525 -15.59 -10.76 -6.10
CA PRO A 525 -14.31 -10.08 -5.86
C PRO A 525 -13.71 -10.39 -4.51
N ASN A 526 -14.53 -10.60 -3.49
CA ASN A 526 -14.08 -10.77 -2.13
C ASN A 526 -14.36 -12.19 -1.66
N LYS A 527 -14.17 -13.14 -2.54
CA LYS A 527 -14.50 -14.52 -2.23
C LYS A 527 -13.45 -15.11 -1.30
N PRO A 528 -13.88 -15.84 -0.27
CA PRO A 528 -12.91 -16.39 0.69
C PRO A 528 -12.02 -17.44 0.04
N ASN A 529 -10.82 -17.56 0.58
CA ASN A 529 -9.95 -18.65 0.17
C ASN A 529 -10.56 -19.97 0.63
N ASP A 530 -10.23 -21.04 -0.08
CA ASP A 530 -10.88 -22.32 0.18
C ASP A 530 -10.59 -22.78 1.61
N ARG A 531 -11.64 -23.24 2.28
CA ARG A 531 -11.66 -23.67 3.68
C ARG A 531 -11.53 -22.48 4.63
N TRP A 532 -11.60 -21.26 4.12
CA TRP A 532 -11.53 -20.05 4.94
C TRP A 532 -10.17 -19.93 5.62
N ILE A 533 -9.11 -20.28 4.90
CA ILE A 533 -7.75 -20.18 5.38
C ILE A 533 -6.97 -19.37 4.37
N ARG A 534 -6.34 -18.29 4.82
CA ARG A 534 -5.63 -17.39 3.91
C ARG A 534 -4.38 -18.07 3.37
N SER A 535 -4.06 -17.74 2.12
CA SER A 535 -2.86 -18.26 1.48
C SER A 535 -1.67 -17.41 1.89
N VAL A 536 -0.65 -18.04 2.46
CA VAL A 536 0.55 -17.36 2.92
C VAL A 536 1.73 -17.84 2.09
N TRP A 537 2.50 -16.90 1.57
CA TRP A 537 3.74 -17.17 0.85
C TRP A 537 4.88 -16.70 1.74
N TYR A 538 5.65 -17.63 2.26
CA TYR A 538 6.81 -17.26 3.06
C TYR A 538 8.01 -17.01 2.16
N MET A 539 9.05 -16.41 2.74
CA MET A 539 10.23 -16.04 1.99
C MET A 539 11.22 -17.20 1.90
N GLY B 778 31.94 34.54 -22.49
CA GLY B 778 32.41 33.37 -21.77
C GLY B 778 33.30 33.70 -20.59
N GLY B 779 33.89 32.67 -19.98
CA GLY B 779 34.74 32.81 -18.82
C GLY B 779 34.38 31.78 -17.77
N GLY B 780 34.84 32.03 -16.56
CA GLY B 780 34.59 31.09 -15.47
C GLY B 780 35.21 31.60 -14.19
N PHE B 781 35.13 30.76 -13.16
CA PHE B 781 35.60 31.10 -11.82
C PHE B 781 36.80 30.26 -11.44
N ILE B 782 37.50 30.72 -10.41
CA ILE B 782 38.64 30.00 -9.83
C ILE B 782 38.52 30.08 -8.31
N LEU B 783 38.44 28.93 -7.66
CA LEU B 783 38.24 28.88 -6.20
C LEU B 783 39.59 28.79 -5.51
N THR B 784 39.81 29.67 -4.55
CA THR B 784 41.04 29.69 -3.78
C THR B 784 40.67 29.99 -2.33
N ASP B 785 41.59 29.70 -1.41
CA ASP B 785 41.39 30.05 -0.01
C ASP B 785 41.75 31.51 0.23
N GLU B 786 41.44 31.99 1.44
CA GLU B 786 41.87 33.32 1.85
C GLU B 786 43.38 33.49 1.70
N ALA B 787 44.12 32.40 1.87
CA ALA B 787 45.51 32.31 1.46
C ALA B 787 45.56 31.56 0.14
N GLY B 788 46.51 31.93 -0.72
CA GLY B 788 46.39 31.54 -2.12
C GLY B 788 46.77 30.12 -2.44
N VAL B 789 45.93 29.18 -2.03
CA VAL B 789 46.05 27.76 -2.37
C VAL B 789 44.73 27.33 -3.02
N PRO B 790 44.69 27.15 -4.34
CA PRO B 790 43.44 26.74 -5.00
C PRO B 790 42.90 25.43 -4.46
N GLN B 791 41.57 25.31 -4.50
CA GLN B 791 40.88 24.15 -3.93
C GLN B 791 40.55 23.15 -5.04
N PRO B 792 41.05 21.92 -4.97
CA PRO B 792 41.05 21.04 -6.16
C PRO B 792 39.70 20.48 -6.60
N SER B 793 38.91 19.89 -5.71
CA SER B 793 37.76 19.11 -6.16
C SER B 793 36.48 19.58 -5.50
N THR B 794 36.32 20.89 -5.35
CA THR B 794 35.09 21.44 -4.80
C THR B 794 33.95 21.33 -5.81
N PRO B 795 32.76 20.91 -5.37
CA PRO B 795 31.60 21.01 -6.26
C PRO B 795 31.18 22.46 -6.45
N TYR B 796 30.54 22.74 -7.59
CA TYR B 796 30.07 24.07 -7.89
C TYR B 796 28.76 24.01 -8.66
N ARG B 797 28.05 25.13 -8.65
CA ARG B 797 26.86 25.34 -9.47
C ARG B 797 26.90 26.77 -9.98
N LEU B 798 27.18 26.94 -11.26
CA LEU B 798 27.21 28.26 -11.88
C LEU B 798 25.89 28.50 -12.59
N THR B 799 25.21 29.60 -12.25
CA THR B 799 23.93 29.97 -12.82
C THR B 799 24.07 31.29 -13.54
N THR B 800 23.49 31.37 -14.74
CA THR B 800 23.54 32.60 -15.53
C THR B 800 22.37 33.50 -15.20
N ASP B 804 20.67 29.47 -16.98
CA ASP B 804 20.71 28.01 -17.01
C ASP B 804 21.86 27.46 -16.16
N ILE B 805 21.63 26.31 -15.54
CA ILE B 805 22.54 25.77 -14.53
C ILE B 805 23.60 24.92 -15.22
N LEU B 806 24.87 25.19 -14.90
CA LEU B 806 26.00 24.35 -15.32
C LEU B 806 26.69 23.83 -14.07
N GLN B 807 26.36 22.59 -13.68
CA GLN B 807 26.96 21.97 -12.51
C GLN B 807 28.30 21.33 -12.87
N GLY B 808 29.09 21.06 -11.84
CA GLY B 808 30.36 20.40 -12.05
C GLY B 808 31.21 20.43 -10.79
N ILE B 809 32.47 20.06 -10.96
CA ILE B 809 33.46 20.03 -9.89
C ILE B 809 34.73 20.69 -10.40
N THR B 810 35.32 21.56 -9.58
CA THR B 810 36.48 22.32 -10.00
C THR B 810 37.65 21.40 -10.33
N ASP B 811 38.58 21.92 -11.15
CA ASP B 811 39.75 21.19 -11.56
C ASP B 811 40.88 21.34 -10.53
N GLU B 812 42.03 20.73 -10.83
CA GLU B 812 43.14 20.73 -9.88
C GLU B 812 43.59 22.13 -9.52
N ASN B 813 43.41 23.10 -10.43
CA ASN B 813 43.69 24.50 -10.14
C ASN B 813 42.45 25.22 -9.64
N GLY B 814 41.47 24.49 -9.13
CA GLY B 814 40.24 25.06 -8.62
C GLY B 814 39.50 25.91 -9.63
N LYS B 815 39.41 25.43 -10.86
CA LYS B 815 38.81 26.19 -11.95
C LYS B 815 37.49 25.56 -12.38
N THR B 816 36.48 26.41 -12.53
CA THR B 816 35.17 25.99 -12.99
C THR B 816 35.24 25.55 -14.46
N ALA B 817 34.16 24.94 -14.95
CA ALA B 817 34.11 24.69 -16.38
C ALA B 817 33.77 25.98 -17.12
N PRO B 818 34.31 26.18 -18.32
CA PRO B 818 34.07 27.45 -19.03
C PRO B 818 32.60 27.66 -19.34
N VAL B 819 32.18 28.91 -19.30
CA VAL B 819 30.80 29.27 -19.61
C VAL B 819 30.76 30.58 -20.40
N VAL B 827 27.35 35.80 -14.41
CA VAL B 827 27.03 34.52 -13.80
C VAL B 827 27.50 34.50 -12.35
N LYS B 828 26.77 33.76 -11.51
CA LYS B 828 27.13 33.57 -10.11
C LYS B 828 27.36 32.09 -9.84
N VAL B 829 28.32 31.81 -8.98
CA VAL B 829 28.75 30.44 -8.69
C VAL B 829 28.42 30.12 -7.24
N GLU B 830 27.85 28.95 -7.01
CA GLU B 830 27.63 28.40 -5.69
C GLU B 830 28.52 27.19 -5.51
N PHE B 831 29.35 27.19 -4.47
CA PHE B 831 30.30 26.12 -4.23
C PHE B 831 29.78 25.18 -3.16
N GLY B 832 29.88 23.89 -3.42
CA GLY B 832 29.38 22.86 -2.52
C GLY B 832 30.35 22.54 -1.40
N LYS B 833 30.30 21.30 -0.93
CA LYS B 833 31.09 20.86 0.19
C LYS B 833 32.02 19.72 -0.23
N VAL B 834 33.08 19.54 0.55
CA VAL B 834 34.10 18.54 0.25
C VAL B 834 34.37 17.72 1.51
N LYS B 835 34.88 16.53 1.31
CA LYS B 835 35.20 15.62 2.41
C LYS B 835 36.66 15.80 2.85
#